data_3HHC
#
_entry.id   3HHC
#
_cell.length_a   91.118
_cell.length_b   91.118
_cell.length_c   150.209
_cell.angle_alpha   90.00
_cell.angle_beta   90.00
_cell.angle_gamma   120.00
#
_symmetry.space_group_name_H-M   'P 31 2 1'
#
loop_
_entity.id
_entity.type
_entity.pdbx_description
1 polymer Interleukin-28B
2 non-polymer 'IODIDE ION'
3 water water
#
_entity_poly.entity_id   1
_entity_poly.type   'polypeptide(L)'
_entity_poly.pdbx_seq_one_letter_code
;MTGDCMPVLVLMAAVLTVTGAVPVARLRGALPDARGCHIAQFKSLSPQELQAFKRAKDALEESLLLKDCKCRSRLFPRTW
DLRQLQVRERPVALEAELALTLKVLEATADTDPALGDVLDQPLHTLHHILSQLRACIQPQPTAGPRTRGRLHHWLHRLQE
APKKESPGCLEASVTFNLFRLLTRDLNCVASGDLCV
;
_entity_poly.pdbx_strand_id   A,B,C,D
#
loop_
_chem_comp.id
_chem_comp.type
_chem_comp.name
_chem_comp.formula
IOD non-polymer 'IODIDE ION' 'I -1'
#
# COMPACT_ATOMS: atom_id res chain seq x y z
N ALA A 34 -1.01 24.57 -18.32
CA ALA A 34 -0.51 25.93 -18.17
C ALA A 34 -0.66 26.73 -19.46
N ARG A 35 -1.18 26.08 -20.51
CA ARG A 35 -1.37 26.73 -21.79
C ARG A 35 -2.82 27.19 -21.96
N GLY A 36 -3.51 27.35 -20.83
CA GLY A 36 -4.90 27.78 -20.84
C GLY A 36 -5.63 27.33 -19.60
N CYS A 37 -6.89 27.76 -19.48
CA CYS A 37 -7.70 27.40 -18.32
C CYS A 37 -8.55 26.17 -18.59
N HIS A 38 -8.07 25.02 -18.13
CA HIS A 38 -8.78 23.76 -18.31
C HIS A 38 -8.82 22.97 -17.02
N ILE A 39 -9.78 23.30 -16.16
CA ILE A 39 -9.92 22.62 -14.89
C ILE A 39 -11.24 21.85 -14.79
N ALA A 40 -12.08 22.01 -15.81
CA ALA A 40 -13.37 21.33 -15.83
C ALA A 40 -13.19 19.82 -15.84
N GLN A 41 -11.98 19.38 -16.18
CA GLN A 41 -11.66 17.95 -16.18
C GLN A 41 -11.54 17.42 -14.75
N PHE A 42 -11.59 18.33 -13.78
CA PHE A 42 -11.42 17.96 -12.38
C PHE A 42 -12.74 18.05 -11.61
N LYS A 43 -13.85 18.18 -12.32
CA LYS A 43 -15.16 18.27 -11.68
C LYS A 43 -15.60 16.96 -11.04
N SER A 44 -15.41 15.86 -11.76
CA SER A 44 -15.85 14.55 -11.27
C SER A 44 -14.66 13.65 -10.94
N LEU A 45 -13.48 14.05 -11.38
CA LEU A 45 -12.28 13.24 -11.18
C LEU A 45 -12.46 11.86 -11.81
N SER A 46 -12.35 10.81 -11.00
CA SER A 46 -12.45 9.44 -11.49
C SER A 46 -12.36 8.44 -10.36
N PRO A 47 -13.12 7.34 -10.46
CA PRO A 47 -13.07 6.26 -9.46
C PRO A 47 -11.65 5.70 -9.34
N GLN A 48 -10.90 5.80 -10.44
CA GLN A 48 -9.51 5.38 -10.47
C GLN A 48 -8.67 6.17 -9.47
N GLU A 49 -8.62 7.49 -9.67
CA GLU A 49 -7.82 8.38 -8.83
C GLU A 49 -8.29 8.35 -7.37
N LEU A 50 -9.60 8.41 -7.18
CA LEU A 50 -10.17 8.45 -5.85
C LEU A 50 -9.76 7.24 -5.01
N GLN A 51 -9.60 6.09 -5.67
CA GLN A 51 -9.12 4.89 -4.98
C GLN A 51 -7.66 5.08 -4.55
N ALA A 52 -6.85 5.67 -5.43
CA ALA A 52 -5.45 5.92 -5.12
C ALA A 52 -5.30 6.92 -3.98
N PHE A 53 -6.16 7.94 -3.97
CA PHE A 53 -6.16 8.91 -2.88
C PHE A 53 -6.71 8.27 -1.61
N LYS A 54 -7.69 7.39 -1.77
CA LYS A 54 -8.31 6.71 -0.65
C LYS A 54 -7.33 5.80 0.08
N ARG A 55 -6.59 5.00 -0.67
CA ARG A 55 -5.58 4.13 -0.10
C ARG A 55 -4.46 4.98 0.48
N ALA A 56 -4.17 6.09 -0.18
CA ALA A 56 -3.15 7.02 0.30
C ALA A 56 -3.58 7.62 1.63
N LYS A 57 -4.85 8.02 1.73
CA LYS A 57 -5.40 8.56 2.96
C LYS A 57 -5.38 7.52 4.08
N ASP A 58 -5.63 6.27 3.73
CA ASP A 58 -5.62 5.18 4.70
C ASP A 58 -4.23 4.97 5.29
N ALA A 59 -3.23 4.98 4.41
CA ALA A 59 -1.85 4.79 4.83
C ALA A 59 -1.35 5.97 5.65
N LEU A 60 -1.74 7.18 5.26
CA LEU A 60 -1.39 8.38 6.00
C LEU A 60 -1.92 8.30 7.43
N GLU A 61 -3.21 8.03 7.57
CA GLU A 61 -3.84 7.94 8.88
C GLU A 61 -3.12 6.92 9.77
N GLU A 62 -2.72 5.80 9.18
CA GLU A 62 -2.06 4.74 9.92
C GLU A 62 -0.75 5.23 10.53
N SER A 63 -0.03 6.06 9.78
CA SER A 63 1.21 6.63 10.26
C SER A 63 0.95 7.61 11.42
N LEU A 64 -0.14 8.37 11.29
CA LEU A 64 -0.51 9.35 12.31
C LEU A 64 -0.84 8.71 13.65
N LEU A 65 -1.44 7.53 13.61
CA LEU A 65 -1.85 6.83 14.84
C LEU A 65 -0.74 6.80 15.88
N LEU A 66 0.39 6.22 15.52
CA LEU A 66 1.48 6.04 16.47
C LEU A 66 2.60 7.05 16.31
N LYS A 67 2.24 8.34 16.24
CA LYS A 67 3.27 9.37 16.19
C LYS A 67 2.79 10.74 16.70
N ASP A 68 3.60 11.76 16.42
CA ASP A 68 3.51 13.07 17.08
C ASP A 68 2.16 13.78 17.04
N CYS A 69 1.27 13.36 17.93
CA CYS A 69 0.06 14.10 18.30
C CYS A 69 -0.67 14.87 17.20
N LYS A 70 -1.30 15.98 17.61
CA LYS A 70 -2.17 16.74 16.74
C LYS A 70 -1.88 18.24 16.81
N CYS A 71 -2.84 19.04 16.36
CA CYS A 71 -2.66 20.49 16.27
C CYS A 71 -3.03 21.20 17.57
N ARG A 72 -2.84 22.51 17.58
CA ARG A 72 -3.29 23.34 18.68
C ARG A 72 -4.43 24.22 18.16
N SER A 73 -4.51 24.34 16.85
CA SER A 73 -5.55 25.11 16.18
C SER A 73 -5.99 24.42 14.89
N ARG A 74 -7.17 24.79 14.40
CA ARG A 74 -7.71 24.19 13.18
C ARG A 74 -7.37 24.99 11.94
N LEU A 75 -6.72 24.35 10.98
CA LEU A 75 -6.36 24.98 9.72
C LEU A 75 -7.53 24.95 8.74
N PHE A 76 -8.29 23.85 8.76
CA PHE A 76 -9.42 23.69 7.86
C PHE A 76 -10.71 23.51 8.63
N PRO A 77 -11.24 24.60 9.21
CA PRO A 77 -12.52 24.56 9.92
C PRO A 77 -13.65 24.16 8.99
N ARG A 78 -14.50 23.23 9.43
CA ARG A 78 -15.65 22.80 8.64
C ARG A 78 -16.63 23.95 8.44
N THR A 79 -16.62 24.90 9.38
CA THR A 79 -17.48 26.06 9.30
C THR A 79 -17.06 26.97 8.14
N TRP A 80 -15.76 26.98 7.85
CA TRP A 80 -15.22 27.79 6.77
C TRP A 80 -15.40 27.09 5.43
N ASP A 81 -15.89 27.82 4.44
CA ASP A 81 -16.14 27.24 3.13
C ASP A 81 -15.87 28.24 2.00
N LEU A 82 -15.49 27.72 0.84
CA LEU A 82 -15.20 28.56 -0.33
C LEU A 82 -16.43 29.31 -0.84
N ARG A 83 -17.60 28.70 -0.66
CA ARG A 83 -18.85 29.28 -1.13
C ARG A 83 -19.15 30.61 -0.44
N GLN A 84 -18.52 30.81 0.72
CA GLN A 84 -18.66 32.06 1.46
C GLN A 84 -17.99 33.20 0.71
N LEU A 85 -16.87 32.89 0.05
CA LEU A 85 -16.13 33.86 -0.72
C LEU A 85 -16.82 34.13 -2.05
N GLN A 86 -16.44 35.22 -2.70
CA GLN A 86 -16.94 35.51 -4.05
C GLN A 86 -16.26 34.60 -5.06
N VAL A 87 -16.92 34.40 -6.20
CA VAL A 87 -16.44 33.44 -7.18
C VAL A 87 -15.00 33.68 -7.63
N ARG A 88 -14.64 34.95 -7.79
CA ARG A 88 -13.33 35.29 -8.35
C ARG A 88 -12.17 35.05 -7.39
N GLU A 89 -12.47 34.87 -6.11
CA GLU A 89 -11.43 34.66 -5.10
C GLU A 89 -11.36 33.22 -4.64
N ARG A 90 -12.32 32.41 -5.05
CA ARG A 90 -12.36 31.00 -4.67
C ARG A 90 -11.15 30.22 -5.20
N PRO A 91 -10.78 30.45 -6.48
CA PRO A 91 -9.60 29.78 -7.04
C PRO A 91 -8.35 30.05 -6.20
N VAL A 92 -8.19 31.29 -5.74
CA VAL A 92 -7.05 31.65 -4.90
C VAL A 92 -7.06 30.87 -3.59
N ALA A 93 -8.21 30.83 -2.94
CA ALA A 93 -8.37 30.09 -1.69
C ALA A 93 -8.05 28.62 -1.88
N LEU A 94 -8.58 28.03 -2.95
CA LEU A 94 -8.32 26.63 -3.26
C LEU A 94 -6.82 26.43 -3.50
N GLU A 95 -6.20 27.43 -4.15
CA GLU A 95 -4.78 27.40 -4.44
C GLU A 95 -3.94 27.33 -3.16
N ALA A 96 -4.31 28.17 -2.19
CA ALA A 96 -3.63 28.20 -0.89
C ALA A 96 -3.83 26.90 -0.14
N GLU A 97 -5.09 26.47 -0.09
CA GLU A 97 -5.45 25.22 0.56
C GLU A 97 -4.64 24.07 -0.04
N LEU A 98 -4.54 24.10 -1.36
CA LEU A 98 -3.91 23.02 -2.12
C LEU A 98 -2.40 22.97 -1.90
N ALA A 99 -1.73 24.10 -2.12
CA ALA A 99 -0.28 24.16 -1.99
C ALA A 99 0.19 23.78 -0.59
N LEU A 100 -0.61 24.15 0.42
CA LEU A 100 -0.29 23.79 1.79
C LEU A 100 -0.22 22.27 1.95
N THR A 101 -1.30 21.59 1.57
CA THR A 101 -1.33 20.13 1.66
C THR A 101 -0.27 19.50 0.75
N LEU A 102 -0.16 20.02 -0.47
CA LEU A 102 0.79 19.47 -1.44
C LEU A 102 2.24 19.59 -0.94
N LYS A 103 2.48 20.50 0.00
CA LYS A 103 3.80 20.63 0.59
C LYS A 103 3.98 19.66 1.75
N VAL A 104 3.06 19.72 2.70
CA VAL A 104 3.10 18.84 3.88
C VAL A 104 3.24 17.38 3.44
N LEU A 105 2.55 17.03 2.36
CA LEU A 105 2.62 15.67 1.83
C LEU A 105 3.99 15.40 1.22
N GLU A 106 4.50 16.34 0.44
CA GLU A 106 5.82 16.22 -0.15
C GLU A 106 6.87 15.93 0.92
N ALA A 107 6.77 16.65 2.04
CA ALA A 107 7.66 16.45 3.17
C ALA A 107 7.53 15.03 3.70
N THR A 108 6.30 14.60 3.94
CA THR A 108 6.04 13.27 4.45
C THR A 108 6.66 12.19 3.56
N ALA A 109 6.43 12.28 2.26
CA ALA A 109 6.94 11.30 1.31
C ALA A 109 8.47 11.26 1.30
N ASP A 110 9.10 12.23 1.96
CA ASP A 110 10.55 12.26 2.09
C ASP A 110 11.02 11.69 3.43
N THR A 111 10.24 11.92 4.47
CA THR A 111 10.55 11.40 5.80
C THR A 111 10.20 9.92 5.90
N ASP A 112 9.03 9.54 5.37
CA ASP A 112 8.57 8.16 5.42
C ASP A 112 8.38 7.61 4.00
N PRO A 113 9.47 7.08 3.41
CA PRO A 113 9.51 6.58 2.04
C PRO A 113 8.53 5.46 1.74
N ALA A 114 8.20 4.64 2.72
CA ALA A 114 7.20 3.59 2.52
C ALA A 114 5.86 4.24 2.16
N LEU A 115 5.59 5.37 2.80
CA LEU A 115 4.38 6.13 2.55
C LEU A 115 4.45 6.83 1.20
N GLY A 116 5.67 7.13 0.77
CA GLY A 116 5.89 7.88 -0.46
C GLY A 116 5.58 7.07 -1.70
N ASP A 117 5.57 5.75 -1.56
CA ASP A 117 5.25 4.88 -2.68
C ASP A 117 3.76 4.85 -2.91
N VAL A 118 3.00 5.28 -1.91
CA VAL A 118 1.55 5.36 -2.01
C VAL A 118 1.12 6.79 -2.33
N LEU A 119 1.80 7.75 -1.71
CA LEU A 119 1.54 9.17 -1.94
C LEU A 119 2.07 9.60 -3.30
N ASP A 120 2.91 8.76 -3.89
CA ASP A 120 3.60 9.08 -5.13
C ASP A 120 2.65 9.63 -6.20
N GLN A 121 1.79 8.77 -6.72
CA GLN A 121 0.91 9.12 -7.83
C GLN A 121 -0.09 10.24 -7.48
N PRO A 122 -0.72 10.15 -6.30
CA PRO A 122 -1.61 11.24 -5.87
C PRO A 122 -0.96 12.61 -6.02
N LEU A 123 0.25 12.74 -5.48
CA LEU A 123 0.98 14.00 -5.51
C LEU A 123 1.14 14.56 -6.93
N HIS A 124 1.39 13.67 -7.90
CA HIS A 124 1.52 14.10 -9.29
C HIS A 124 0.22 14.74 -9.78
N THR A 125 -0.91 14.07 -9.49
CA THR A 125 -2.22 14.62 -9.81
C THR A 125 -2.43 15.92 -9.05
N LEU A 126 -2.10 15.91 -7.76
CA LEU A 126 -2.23 17.09 -6.91
C LEU A 126 -1.46 18.27 -7.49
N HIS A 127 -0.27 18.01 -8.02
CA HIS A 127 0.52 19.05 -8.69
C HIS A 127 -0.15 19.51 -9.97
N HIS A 128 -0.65 18.55 -10.74
CA HIS A 128 -1.26 18.84 -12.03
C HIS A 128 -2.45 19.80 -11.90
N ILE A 129 -3.27 19.60 -10.88
CA ILE A 129 -4.41 20.49 -10.65
C ILE A 129 -3.93 21.86 -10.20
N LEU A 130 -2.79 21.88 -9.51
CA LEU A 130 -2.20 23.13 -9.06
C LEU A 130 -1.70 23.92 -10.26
N SER A 131 -1.03 23.21 -11.17
CA SER A 131 -0.53 23.81 -12.40
C SER A 131 -1.66 24.36 -13.25
N GLN A 132 -2.66 23.53 -13.53
CA GLN A 132 -3.83 23.96 -14.30
C GLN A 132 -4.48 25.17 -13.65
N LEU A 133 -4.66 25.09 -12.34
CA LEU A 133 -5.27 26.16 -11.57
C LEU A 133 -4.55 27.49 -11.75
N ARG A 134 -3.22 27.47 -11.64
CA ARG A 134 -2.44 28.69 -11.76
C ARG A 134 -2.73 29.42 -13.07
N ALA A 135 -2.98 28.65 -14.12
CA ALA A 135 -3.22 29.21 -15.44
C ALA A 135 -4.60 29.87 -15.54
N CYS A 136 -5.43 29.66 -14.53
CA CYS A 136 -6.77 30.24 -14.52
C CYS A 136 -6.83 31.57 -13.77
N ILE A 137 -5.72 31.95 -13.14
CA ILE A 137 -5.67 33.19 -12.37
C ILE A 137 -4.53 34.10 -12.83
N GLN A 138 -4.35 35.22 -12.13
CA GLN A 138 -3.29 36.16 -12.44
C GLN A 138 -2.46 36.49 -11.20
N GLY A 149 -12.22 40.25 2.33
CA GLY A 149 -11.78 40.47 3.70
C GLY A 149 -11.62 39.18 4.48
N ARG A 150 -12.63 38.32 4.38
CA ARG A 150 -12.60 37.03 5.07
C ARG A 150 -11.56 36.09 4.44
N LEU A 151 -11.00 36.52 3.31
CA LEU A 151 -10.02 35.72 2.60
C LEU A 151 -8.61 35.93 3.16
N HIS A 152 -8.25 37.19 3.34
CA HIS A 152 -6.91 37.56 3.80
C HIS A 152 -6.44 36.79 5.03
N HIS A 153 -7.32 36.66 6.02
CA HIS A 153 -6.97 35.98 7.27
C HIS A 153 -6.76 34.49 7.08
N TRP A 154 -7.66 33.85 6.33
CA TRP A 154 -7.61 32.41 6.14
C TRP A 154 -6.31 31.95 5.48
N LEU A 155 -5.97 32.55 4.35
CA LEU A 155 -4.75 32.17 3.64
C LEU A 155 -3.51 32.67 4.36
N HIS A 156 -3.72 33.39 5.46
CA HIS A 156 -2.61 33.82 6.31
C HIS A 156 -2.31 32.78 7.37
N ARG A 157 -3.36 32.21 7.95
CA ARG A 157 -3.20 31.16 8.95
C ARG A 157 -2.61 29.91 8.32
N LEU A 158 -2.90 29.71 7.04
CA LEU A 158 -2.38 28.58 6.29
C LEU A 158 -0.94 28.84 5.86
N GLN A 159 -0.67 30.09 5.50
CA GLN A 159 0.67 30.50 5.07
C GLN A 159 1.62 30.52 6.27
N GLU A 160 1.07 30.80 7.43
CA GLU A 160 1.86 30.90 8.66
C GLU A 160 1.85 29.58 9.43
N ALA A 161 1.24 28.56 8.85
CA ALA A 161 1.03 27.27 9.53
C ALA A 161 2.28 26.41 9.71
N PRO A 162 3.08 26.23 8.65
CA PRO A 162 4.24 25.34 8.71
C PRO A 162 5.27 25.73 9.78
N LYS A 163 5.09 26.90 10.40
CA LYS A 163 6.00 27.37 11.42
C LYS A 163 5.27 27.71 12.72
N LYS A 164 4.10 27.11 12.91
CA LYS A 164 3.30 27.36 14.10
C LYS A 164 2.77 26.05 14.68
N GLU A 165 2.53 25.07 13.82
CA GLU A 165 2.01 23.78 14.25
C GLU A 165 3.03 22.66 14.05
N SER A 166 2.85 21.57 14.77
CA SER A 166 3.77 20.42 14.68
C SER A 166 3.55 19.64 13.40
N PRO A 167 4.62 18.98 12.90
CA PRO A 167 4.55 18.17 11.68
C PRO A 167 3.48 17.08 11.77
N GLY A 168 3.15 16.67 12.99
CA GLY A 168 2.09 15.70 13.20
C GLY A 168 0.75 16.35 13.03
N CYS A 169 0.66 17.61 13.44
CA CYS A 169 -0.56 18.40 13.29
C CYS A 169 -0.84 18.67 11.82
N LEU A 170 0.20 19.07 11.08
CA LEU A 170 0.06 19.38 9.67
C LEU A 170 -0.36 18.17 8.85
N GLU A 171 0.35 17.06 9.02
CA GLU A 171 0.06 15.85 8.27
C GLU A 171 -1.37 15.38 8.52
N ALA A 172 -1.95 15.82 9.62
CA ALA A 172 -3.30 15.43 10.00
C ALA A 172 -4.35 16.34 9.36
N SER A 173 -4.19 17.65 9.57
CA SER A 173 -5.14 18.63 9.05
C SER A 173 -5.38 18.47 7.55
N VAL A 174 -4.32 18.19 6.81
CA VAL A 174 -4.41 18.09 5.36
C VAL A 174 -4.89 16.71 4.91
N THR A 175 -4.80 15.74 5.81
CA THR A 175 -5.29 14.39 5.53
C THR A 175 -6.81 14.33 5.70
N PHE A 176 -7.30 14.87 6.81
CA PHE A 176 -8.73 14.90 7.09
C PHE A 176 -9.46 15.81 6.09
N ASN A 177 -8.78 16.84 5.63
CA ASN A 177 -9.36 17.79 4.68
C ASN A 177 -9.15 17.36 3.24
N LEU A 178 -8.34 16.32 3.04
CA LEU A 178 -7.98 15.85 1.71
C LEU A 178 -9.22 15.67 0.82
N PHE A 179 -10.09 14.76 1.21
CA PHE A 179 -11.28 14.43 0.42
C PHE A 179 -12.14 15.64 0.10
N ARG A 180 -12.44 16.44 1.11
CA ARG A 180 -13.25 17.63 0.94
C ARG A 180 -12.65 18.56 -0.11
N LEU A 181 -11.33 18.60 -0.15
CA LEU A 181 -10.62 19.47 -1.09
C LEU A 181 -10.71 18.93 -2.52
N LEU A 182 -10.58 17.61 -2.66
CA LEU A 182 -10.58 16.98 -3.97
C LEU A 182 -11.97 16.91 -4.59
N THR A 183 -12.99 16.79 -3.75
CA THR A 183 -14.36 16.65 -4.23
C THR A 183 -15.15 17.95 -4.14
N ARG A 184 -15.40 18.41 -2.91
CA ARG A 184 -16.24 19.57 -2.70
C ARG A 184 -15.57 20.89 -3.09
N ASP A 185 -14.41 21.16 -2.52
CA ASP A 185 -13.70 22.41 -2.76
C ASP A 185 -13.25 22.58 -4.22
N LEU A 186 -12.59 21.56 -4.76
CA LEU A 186 -12.14 21.58 -6.15
C LEU A 186 -13.32 21.74 -7.11
N ASN A 187 -14.36 20.94 -6.90
CA ASN A 187 -15.56 21.01 -7.73
C ASN A 187 -16.18 22.40 -7.73
N CYS A 188 -16.23 23.04 -6.56
CA CYS A 188 -16.81 24.38 -6.45
C CYS A 188 -16.11 25.39 -7.34
N VAL A 189 -14.78 25.30 -7.42
CA VAL A 189 -14.01 26.24 -8.23
C VAL A 189 -14.19 25.97 -9.71
N ALA A 190 -14.37 24.69 -10.06
CA ALA A 190 -14.58 24.30 -11.44
C ALA A 190 -16.00 24.62 -11.93
N SER A 191 -16.86 25.05 -11.02
CA SER A 191 -18.26 25.30 -11.36
C SER A 191 -18.61 26.77 -11.45
N GLY A 192 -17.66 27.63 -11.10
CA GLY A 192 -17.87 29.07 -11.16
C GLY A 192 -19.15 29.52 -10.50
N ASP A 193 -19.98 30.25 -11.25
CA ASP A 193 -21.22 30.81 -10.74
C ASP A 193 -22.18 29.75 -10.24
N LEU A 194 -22.14 28.57 -10.87
CA LEU A 194 -23.11 27.51 -10.57
C LEU A 194 -22.77 26.78 -9.27
N CYS A 195 -21.97 27.41 -8.43
CA CYS A 195 -21.63 26.85 -7.12
C CYS A 195 -22.03 27.85 -6.04
N VAL A 196 -23.29 27.76 -5.61
CA VAL A 196 -23.82 28.69 -4.61
C VAL A 196 -23.83 28.06 -3.22
N CYS B 37 -5.21 -11.96 -32.40
CA CYS B 37 -4.10 -12.25 -31.51
C CYS B 37 -2.95 -11.26 -31.71
N HIS B 38 -2.98 -10.17 -30.95
CA HIS B 38 -1.95 -9.15 -31.03
C HIS B 38 -1.07 -9.14 -29.78
N ILE B 39 0.11 -9.73 -29.90
CA ILE B 39 1.05 -9.81 -28.79
C ILE B 39 2.18 -8.81 -28.95
N ALA B 40 2.33 -8.28 -30.16
CA ALA B 40 3.42 -7.36 -30.49
C ALA B 40 3.45 -6.13 -29.59
N GLN B 41 2.35 -5.87 -28.90
CA GLN B 41 2.25 -4.71 -28.01
C GLN B 41 3.07 -4.89 -26.73
N PHE B 42 3.35 -6.13 -26.38
CA PHE B 42 4.06 -6.42 -25.14
C PHE B 42 5.54 -6.73 -25.34
N LYS B 43 6.04 -6.48 -26.56
CA LYS B 43 7.47 -6.62 -26.83
C LYS B 43 8.24 -5.64 -25.95
N SER B 44 7.69 -4.43 -25.83
CA SER B 44 8.29 -3.39 -25.00
C SER B 44 7.30 -2.95 -23.92
N LEU B 45 7.81 -2.66 -22.73
CA LEU B 45 6.98 -2.21 -21.63
C LEU B 45 7.40 -0.83 -21.16
N SER B 46 6.41 0.01 -20.88
CA SER B 46 6.66 1.39 -20.46
C SER B 46 7.43 1.45 -19.14
N PRO B 47 8.35 2.42 -19.03
CA PRO B 47 9.07 2.71 -17.78
C PRO B 47 8.08 3.12 -16.70
N GLN B 48 6.93 3.64 -17.13
CA GLN B 48 5.86 3.99 -16.23
C GLN B 48 5.49 2.79 -15.37
N GLU B 49 5.20 1.68 -16.03
CA GLU B 49 4.83 0.44 -15.37
C GLU B 49 6.00 -0.15 -14.60
N LEU B 50 7.19 -0.12 -15.21
CA LEU B 50 8.39 -0.69 -14.60
C LEU B 50 8.67 -0.11 -13.22
N GLN B 51 8.63 1.22 -13.12
CA GLN B 51 8.87 1.89 -11.85
C GLN B 51 7.83 1.47 -10.82
N ALA B 52 6.64 1.10 -11.31
CA ALA B 52 5.57 0.64 -10.43
C ALA B 52 5.83 -0.77 -9.92
N PHE B 53 6.16 -1.67 -10.83
CA PHE B 53 6.47 -3.05 -10.47
C PHE B 53 7.63 -3.12 -9.51
N LYS B 54 8.48 -2.09 -9.52
CA LYS B 54 9.67 -2.07 -8.68
C LYS B 54 9.34 -1.60 -7.26
N ARG B 55 8.37 -0.69 -7.14
CA ARG B 55 7.92 -0.24 -5.83
C ARG B 55 7.09 -1.35 -5.16
N ALA B 56 6.57 -2.24 -5.99
CA ALA B 56 5.83 -3.40 -5.49
C ALA B 56 6.80 -4.51 -5.11
N LYS B 57 7.76 -4.77 -5.99
CA LYS B 57 8.80 -5.76 -5.74
C LYS B 57 9.54 -5.42 -4.45
N ASP B 58 9.70 -4.13 -4.18
CA ASP B 58 10.41 -3.68 -3.00
C ASP B 58 9.60 -3.91 -1.73
N ALA B 59 8.34 -3.51 -1.75
CA ALA B 59 7.45 -3.69 -0.61
C ALA B 59 7.25 -5.17 -0.29
N LEU B 60 7.12 -5.97 -1.34
CA LEU B 60 7.01 -7.42 -1.18
C LEU B 60 8.22 -7.99 -0.45
N GLU B 61 9.40 -7.54 -0.86
CA GLU B 61 10.66 -8.00 -0.26
C GLU B 61 10.73 -7.63 1.21
N GLU B 62 10.43 -6.37 1.51
CA GLU B 62 10.44 -5.88 2.88
C GLU B 62 9.47 -6.68 3.75
N SER B 63 8.40 -7.17 3.13
CA SER B 63 7.38 -7.94 3.84
C SER B 63 7.88 -9.32 4.23
N LEU B 64 8.68 -9.92 3.36
CA LEU B 64 9.21 -11.26 3.61
C LEU B 64 10.13 -11.31 4.85
N LEU B 65 10.80 -10.20 5.13
CA LEU B 65 11.74 -10.13 6.26
C LEU B 65 11.09 -10.55 7.57
N LEU B 66 9.85 -10.13 7.80
CA LEU B 66 9.12 -10.53 8.98
C LEU B 66 9.11 -12.06 9.03
N LYS B 67 9.30 -12.62 10.23
CA LYS B 67 9.54 -14.06 10.37
C LYS B 67 8.78 -14.94 9.37
N ASP B 68 9.41 -15.19 8.23
CA ASP B 68 8.87 -16.07 7.21
C ASP B 68 9.90 -17.12 6.85
N CYS B 69 9.46 -18.19 6.18
CA CYS B 69 10.38 -19.27 5.80
C CYS B 69 10.64 -19.30 4.30
N LYS B 70 11.28 -20.37 3.84
CA LYS B 70 11.70 -20.47 2.44
C LYS B 70 11.21 -21.73 1.74
N CYS B 71 11.83 -22.01 0.59
CA CYS B 71 11.38 -23.10 -0.28
C CYS B 71 12.29 -24.32 -0.18
N ARG B 72 11.76 -25.47 -0.60
CA ARG B 72 12.54 -26.69 -0.66
C ARG B 72 13.06 -26.89 -2.07
N SER B 73 12.23 -26.58 -3.06
CA SER B 73 12.60 -26.71 -4.46
C SER B 73 12.55 -25.36 -5.14
N ARG B 74 13.53 -25.09 -6.01
CA ARG B 74 13.53 -23.86 -6.79
C ARG B 74 12.48 -23.91 -7.89
N LEU B 75 11.45 -23.07 -7.76
CA LEU B 75 10.37 -23.04 -8.74
C LEU B 75 10.85 -22.57 -10.11
N PHE B 76 11.60 -21.47 -10.13
CA PHE B 76 12.06 -20.88 -11.38
C PHE B 76 13.58 -20.91 -11.47
N PRO B 77 14.15 -22.09 -11.75
CA PRO B 77 15.62 -22.25 -11.83
C PRO B 77 16.21 -21.32 -12.89
N ARG B 78 17.31 -20.65 -12.54
CA ARG B 78 18.00 -19.78 -13.47
C ARG B 78 18.55 -20.55 -14.66
N THR B 79 18.79 -21.85 -14.45
CA THR B 79 19.33 -22.72 -15.49
C THR B 79 18.33 -22.96 -16.61
N TRP B 80 17.09 -22.55 -16.39
CA TRP B 80 16.00 -22.83 -17.32
C TRP B 80 15.44 -21.57 -17.95
N ASP B 81 15.42 -21.53 -19.29
CA ASP B 81 14.88 -20.40 -20.02
C ASP B 81 13.88 -20.88 -21.07
N LEU B 82 13.10 -19.94 -21.62
CA LEU B 82 12.09 -20.29 -22.59
C LEU B 82 12.69 -20.64 -23.94
N ARG B 83 13.78 -19.96 -24.29
CA ARG B 83 14.46 -20.21 -25.55
C ARG B 83 14.73 -21.69 -25.74
N GLN B 84 15.06 -22.37 -24.65
CA GLN B 84 15.32 -23.81 -24.69
C GLN B 84 14.16 -24.57 -25.30
N LEU B 85 12.95 -24.06 -25.10
CA LEU B 85 11.74 -24.72 -25.58
C LEU B 85 11.49 -24.46 -27.06
N GLN B 86 10.86 -25.42 -27.72
CA GLN B 86 10.56 -25.32 -29.14
C GLN B 86 9.48 -24.29 -29.39
N VAL B 87 9.89 -23.11 -29.83
CA VAL B 87 9.00 -21.99 -30.15
C VAL B 87 7.56 -22.12 -29.65
N ARG B 88 6.74 -22.87 -30.38
CA ARG B 88 5.32 -23.00 -30.09
C ARG B 88 4.98 -23.27 -28.62
N GLU B 89 5.85 -23.99 -27.92
CA GLU B 89 5.58 -24.38 -26.54
C GLU B 89 5.87 -23.27 -25.54
N ARG B 90 6.43 -22.18 -26.01
CA ARG B 90 6.86 -21.09 -25.14
C ARG B 90 5.71 -20.32 -24.48
N PRO B 91 4.69 -19.94 -25.27
CA PRO B 91 3.54 -19.24 -24.68
C PRO B 91 2.94 -20.05 -23.54
N VAL B 92 2.80 -21.35 -23.73
CA VAL B 92 2.28 -22.23 -22.70
C VAL B 92 3.08 -22.10 -21.40
N ALA B 93 4.41 -22.14 -21.52
CA ALA B 93 5.28 -22.01 -20.36
C ALA B 93 5.12 -20.64 -19.70
N LEU B 94 5.07 -19.59 -20.51
CA LEU B 94 4.91 -18.24 -19.98
C LEU B 94 3.60 -18.13 -19.22
N GLU B 95 2.55 -18.70 -19.81
CA GLU B 95 1.22 -18.65 -19.21
C GLU B 95 1.21 -19.26 -17.81
N ALA B 96 1.76 -20.46 -17.70
CA ALA B 96 1.83 -21.14 -16.41
C ALA B 96 2.63 -20.31 -15.42
N GLU B 97 3.68 -19.68 -15.91
CA GLU B 97 4.57 -18.88 -15.09
C GLU B 97 3.89 -17.59 -14.65
N LEU B 98 3.01 -17.06 -15.50
CA LEU B 98 2.35 -15.80 -15.22
C LEU B 98 1.12 -16.01 -14.34
N ALA B 99 0.39 -17.08 -14.61
CA ALA B 99 -0.79 -17.41 -13.82
C ALA B 99 -0.43 -17.65 -12.35
N LEU B 100 0.73 -18.27 -12.14
CA LEU B 100 1.18 -18.59 -10.78
C LEU B 100 1.45 -17.33 -9.97
N THR B 101 2.29 -16.44 -10.51
CA THR B 101 2.68 -15.24 -9.78
C THR B 101 1.45 -14.36 -9.52
N LEU B 102 0.60 -14.24 -10.53
CA LEU B 102 -0.63 -13.48 -10.37
C LEU B 102 -1.47 -14.09 -9.26
N LYS B 103 -1.53 -15.42 -9.23
CA LYS B 103 -2.28 -16.13 -8.19
C LYS B 103 -1.68 -15.89 -6.80
N VAL B 104 -0.37 -16.06 -6.71
CA VAL B 104 0.34 -15.87 -5.44
C VAL B 104 0.32 -14.41 -4.98
N LEU B 105 0.43 -13.50 -5.93
CA LEU B 105 0.38 -12.07 -5.62
C LEU B 105 -1.05 -11.60 -5.31
N GLU B 106 -2.04 -12.24 -5.93
CA GLU B 106 -3.44 -11.96 -5.60
C GLU B 106 -3.68 -12.28 -4.13
N ALA B 107 -3.23 -13.46 -3.71
CA ALA B 107 -3.41 -13.90 -2.33
C ALA B 107 -2.74 -12.93 -1.37
N THR B 108 -1.58 -12.42 -1.77
CA THR B 108 -0.80 -11.52 -0.94
C THR B 108 -1.53 -10.20 -0.70
N ALA B 109 -2.15 -9.68 -1.76
CA ALA B 109 -2.86 -8.40 -1.69
C ALA B 109 -4.22 -8.52 -0.99
N ASP B 110 -4.76 -9.73 -0.93
CA ASP B 110 -6.01 -9.97 -0.21
C ASP B 110 -5.77 -9.97 1.29
N THR B 111 -4.71 -10.64 1.69
CA THR B 111 -4.39 -10.81 3.10
C THR B 111 -3.72 -9.58 3.69
N ASP B 112 -3.15 -8.75 2.81
CA ASP B 112 -2.40 -7.58 3.25
C ASP B 112 -2.78 -6.34 2.46
N PRO B 113 -3.67 -5.51 3.02
CA PRO B 113 -4.13 -4.27 2.38
C PRO B 113 -2.99 -3.30 2.08
N ALA B 114 -1.95 -3.28 2.92
CA ALA B 114 -0.80 -2.43 2.68
C ALA B 114 -0.13 -2.78 1.36
N LEU B 115 0.21 -4.06 1.19
CA LEU B 115 0.78 -4.53 -0.06
C LEU B 115 -0.15 -4.24 -1.24
N GLY B 116 -1.45 -4.37 -1.00
CA GLY B 116 -2.44 -4.10 -2.03
C GLY B 116 -2.35 -2.69 -2.55
N ASP B 117 -2.04 -1.75 -1.67
CA ASP B 117 -1.87 -0.35 -2.05
C ASP B 117 -0.86 -0.21 -3.18
N VAL B 118 0.14 -1.08 -3.18
CA VAL B 118 1.20 -1.04 -4.19
C VAL B 118 1.02 -2.11 -5.27
N LEU B 119 0.32 -3.20 -4.92
CA LEU B 119 0.12 -4.28 -5.86
C LEU B 119 -1.03 -4.04 -6.84
N ASP B 120 -2.02 -3.24 -6.42
CA ASP B 120 -3.22 -3.03 -7.20
C ASP B 120 -2.95 -2.71 -8.67
N GLN B 121 -2.22 -1.63 -8.94
CA GLN B 121 -1.93 -1.24 -10.31
C GLN B 121 -1.20 -2.36 -11.07
N PRO B 122 -0.06 -2.83 -10.53
CA PRO B 122 0.70 -3.90 -11.21
C PRO B 122 -0.13 -5.15 -11.45
N LEU B 123 -1.00 -5.50 -10.50
CA LEU B 123 -1.85 -6.68 -10.64
C LEU B 123 -2.80 -6.54 -11.83
N HIS B 124 -3.29 -5.32 -12.07
CA HIS B 124 -4.16 -5.09 -13.21
C HIS B 124 -3.39 -5.23 -14.51
N THR B 125 -2.19 -4.64 -14.56
CA THR B 125 -1.30 -4.81 -15.70
C THR B 125 -1.04 -6.30 -15.92
N LEU B 126 -0.76 -7.01 -14.83
CA LEU B 126 -0.44 -8.42 -14.90
C LEU B 126 -1.60 -9.21 -15.53
N HIS B 127 -2.82 -8.89 -15.11
CA HIS B 127 -4.02 -9.53 -15.64
C HIS B 127 -4.19 -9.26 -17.14
N HIS B 128 -3.89 -8.02 -17.55
CA HIS B 128 -4.06 -7.63 -18.94
C HIS B 128 -3.20 -8.47 -19.88
N ILE B 129 -1.91 -8.56 -19.59
CA ILE B 129 -1.00 -9.30 -20.46
C ILE B 129 -1.30 -10.79 -20.45
N LEU B 130 -2.00 -11.25 -19.42
CA LEU B 130 -2.41 -12.64 -19.33
C LEU B 130 -3.60 -12.91 -20.24
N SER B 131 -4.55 -11.98 -20.24
CA SER B 131 -5.74 -12.09 -21.08
C SER B 131 -5.37 -12.20 -22.55
N GLN B 132 -4.48 -11.31 -22.99
CA GLN B 132 -3.98 -11.33 -24.35
C GLN B 132 -3.27 -12.65 -24.63
N LEU B 133 -2.52 -13.12 -23.64
CA LEU B 133 -1.73 -14.34 -23.78
C LEU B 133 -2.62 -15.54 -24.06
N ARG B 134 -3.60 -15.76 -23.20
CA ARG B 134 -4.53 -16.88 -23.38
C ARG B 134 -5.21 -16.79 -24.73
N ALA B 135 -5.45 -15.56 -25.19
CA ALA B 135 -6.12 -15.31 -26.45
C ALA B 135 -5.14 -15.32 -27.62
N CYS B 136 -4.08 -16.11 -27.51
CA CYS B 136 -3.09 -16.23 -28.57
C CYS B 136 -2.49 -17.64 -28.61
N ILE B 137 -2.75 -18.40 -27.58
CA ILE B 137 -2.29 -19.77 -27.53
C ILE B 137 -3.19 -20.65 -28.37
N GLN B 138 -2.59 -21.63 -29.00
CA GLN B 138 -3.31 -22.54 -29.87
C GLN B 138 -2.53 -23.83 -29.85
N PRO B 139 -2.81 -24.76 -30.77
CA PRO B 139 -2.08 -26.01 -30.80
C PRO B 139 -0.58 -25.82 -30.99
N ALA B 143 5.58 -31.70 -31.41
CA ALA B 143 5.99 -31.34 -30.05
C ALA B 143 7.42 -31.77 -29.76
N GLY B 144 7.66 -32.23 -28.54
CA GLY B 144 8.99 -32.63 -28.10
C GLY B 144 9.59 -33.73 -28.95
N PRO B 145 9.66 -34.96 -28.40
CA PRO B 145 9.20 -35.31 -27.06
C PRO B 145 10.25 -35.01 -26.00
N ARG B 146 11.52 -34.98 -26.41
CA ARG B 146 12.59 -34.64 -25.49
C ARG B 146 12.30 -33.30 -24.84
N THR B 147 11.88 -32.34 -25.65
CA THR B 147 11.50 -31.01 -25.20
C THR B 147 10.27 -31.07 -24.29
N ARG B 148 9.33 -31.94 -24.64
CA ARG B 148 8.07 -32.05 -23.91
C ARG B 148 8.31 -32.45 -22.46
N GLY B 149 9.25 -33.36 -22.25
CA GLY B 149 9.59 -33.78 -20.90
C GLY B 149 10.12 -32.61 -20.10
N ARG B 150 10.93 -31.78 -20.74
CA ARG B 150 11.45 -30.57 -20.12
C ARG B 150 10.30 -29.61 -19.79
N LEU B 151 9.35 -29.51 -20.71
CA LEU B 151 8.17 -28.66 -20.51
C LEU B 151 7.26 -29.24 -19.43
N HIS B 152 6.95 -30.53 -19.55
CA HIS B 152 6.09 -31.20 -18.58
C HIS B 152 6.65 -31.12 -17.17
N HIS B 153 7.97 -31.29 -17.06
CA HIS B 153 8.63 -31.26 -15.75
C HIS B 153 8.52 -29.88 -15.12
N TRP B 154 8.57 -28.86 -15.96
CA TRP B 154 8.49 -27.48 -15.50
C TRP B 154 7.05 -27.08 -15.20
N LEU B 155 6.13 -27.55 -16.04
CA LEU B 155 4.71 -27.25 -15.86
C LEU B 155 4.16 -27.99 -14.66
N HIS B 156 4.56 -29.25 -14.50
CA HIS B 156 4.12 -30.07 -13.40
C HIS B 156 4.68 -29.57 -12.08
N ARG B 157 5.93 -29.11 -12.12
CA ARG B 157 6.59 -28.64 -10.91
C ARG B 157 6.04 -27.29 -10.45
N LEU B 158 5.11 -26.74 -11.21
CA LEU B 158 4.43 -25.51 -10.83
C LEU B 158 3.02 -25.81 -10.33
N GLN B 159 2.56 -27.03 -10.58
CA GLN B 159 1.27 -27.48 -10.08
C GLN B 159 1.44 -27.96 -8.64
N GLU B 160 2.59 -28.56 -8.35
CA GLU B 160 2.92 -28.97 -7.00
C GLU B 160 3.09 -27.76 -6.09
N ALA B 161 3.41 -26.61 -6.68
CA ALA B 161 3.75 -25.41 -5.92
C ALA B 161 2.79 -25.05 -4.76
N PRO B 162 1.54 -24.69 -5.06
CA PRO B 162 0.68 -24.19 -3.99
C PRO B 162 0.46 -25.20 -2.85
N LYS B 163 0.67 -26.48 -3.12
CA LYS B 163 0.37 -27.52 -2.14
C LYS B 163 1.60 -28.03 -1.38
N LYS B 164 2.76 -28.03 -2.04
CA LYS B 164 3.97 -28.60 -1.45
C LYS B 164 4.94 -27.54 -0.93
N GLU B 165 4.66 -26.28 -1.20
CA GLU B 165 5.55 -25.19 -0.78
C GLU B 165 4.83 -24.17 0.10
N SER B 166 5.56 -23.64 1.09
CA SER B 166 5.00 -22.64 1.99
C SER B 166 4.63 -21.38 1.23
N PRO B 167 3.54 -20.72 1.64
CA PRO B 167 3.13 -19.44 1.04
C PRO B 167 4.31 -18.47 0.97
N GLY B 168 5.11 -18.44 2.03
CA GLY B 168 6.29 -17.58 2.05
C GLY B 168 7.22 -17.88 0.89
N CYS B 169 7.46 -19.16 0.67
CA CYS B 169 8.28 -19.61 -0.45
C CYS B 169 7.70 -19.13 -1.79
N LEU B 170 6.44 -19.48 -2.04
CA LEU B 170 5.76 -19.08 -3.27
C LEU B 170 5.89 -17.58 -3.49
N GLU B 171 5.60 -16.81 -2.45
CA GLU B 171 5.67 -15.35 -2.51
C GLU B 171 7.07 -14.89 -2.88
N ALA B 172 8.09 -15.52 -2.27
CA ALA B 172 9.48 -15.16 -2.52
C ALA B 172 9.91 -15.52 -3.94
N SER B 173 9.48 -16.69 -4.40
CA SER B 173 9.85 -17.17 -5.72
C SER B 173 9.34 -16.26 -6.83
N VAL B 174 8.05 -15.96 -6.79
CA VAL B 174 7.43 -15.15 -7.83
C VAL B 174 7.94 -13.71 -7.82
N THR B 175 8.42 -13.26 -6.67
CA THR B 175 8.94 -11.89 -6.55
C THR B 175 10.28 -11.73 -7.26
N PHE B 176 11.25 -12.58 -6.92
CA PHE B 176 12.56 -12.50 -7.55
C PHE B 176 12.47 -12.83 -9.04
N ASN B 177 11.48 -13.64 -9.40
CA ASN B 177 11.28 -14.06 -10.77
C ASN B 177 10.55 -12.99 -11.61
N LEU B 178 10.00 -12.00 -10.93
CA LEU B 178 9.23 -10.94 -11.60
C LEU B 178 9.96 -10.33 -12.79
N PHE B 179 11.04 -9.61 -12.51
CA PHE B 179 11.79 -8.91 -13.54
C PHE B 179 12.10 -9.80 -14.74
N ARG B 180 12.64 -10.98 -14.47
CA ARG B 180 12.99 -11.93 -15.52
C ARG B 180 11.74 -12.32 -16.33
N LEU B 181 10.60 -12.35 -15.66
CA LEU B 181 9.34 -12.74 -16.29
C LEU B 181 8.84 -11.66 -17.25
N LEU B 182 8.86 -10.42 -16.78
CA LEU B 182 8.32 -9.29 -17.55
C LEU B 182 9.22 -8.87 -18.71
N THR B 183 10.53 -9.01 -18.51
CA THR B 183 11.49 -8.58 -19.52
C THR B 183 11.84 -9.69 -20.51
N ARG B 184 12.79 -10.54 -20.13
CA ARG B 184 13.26 -11.60 -21.00
C ARG B 184 12.13 -12.52 -21.44
N ASP B 185 11.54 -13.24 -20.49
CA ASP B 185 10.54 -14.24 -20.79
C ASP B 185 9.35 -13.70 -21.59
N LEU B 186 8.83 -12.56 -21.16
CA LEU B 186 7.66 -11.97 -21.82
C LEU B 186 7.96 -11.49 -23.24
N ASN B 187 9.05 -10.75 -23.39
CA ASN B 187 9.42 -10.23 -24.71
C ASN B 187 9.63 -11.33 -25.73
N CYS B 188 10.24 -12.43 -25.29
CA CYS B 188 10.50 -13.58 -26.16
C CYS B 188 9.25 -14.06 -26.88
N VAL B 189 8.16 -14.24 -26.13
CA VAL B 189 6.93 -14.76 -26.69
C VAL B 189 6.23 -13.75 -27.62
N ALA B 190 6.36 -12.48 -27.31
CA ALA B 190 5.76 -11.43 -28.12
C ALA B 190 6.40 -11.37 -29.50
N SER B 191 7.70 -11.60 -29.54
CA SER B 191 8.47 -11.50 -30.78
C SER B 191 7.91 -12.39 -31.89
N GLY B 192 7.48 -13.60 -31.52
CA GLY B 192 6.87 -14.50 -32.48
C GLY B 192 7.86 -15.42 -33.17
N ASP B 193 8.88 -14.83 -33.81
CA ASP B 193 9.84 -15.62 -34.57
C ASP B 193 11.31 -15.34 -34.23
N LEU B 194 11.61 -14.12 -33.81
CA LEU B 194 13.01 -13.73 -33.61
C LEU B 194 13.54 -13.98 -32.21
N CYS B 195 12.95 -14.94 -31.50
CA CYS B 195 13.46 -15.32 -30.18
C CYS B 195 14.36 -16.54 -30.27
N VAL B 196 15.57 -16.33 -30.79
CA VAL B 196 16.53 -17.42 -30.96
C VAL B 196 17.02 -17.93 -29.61
N ARG C 35 -35.87 -15.73 13.08
CA ARG C 35 -35.33 -16.83 12.27
C ARG C 35 -34.90 -16.31 10.90
N GLY C 36 -35.70 -15.43 10.34
CA GLY C 36 -35.45 -14.89 9.02
C GLY C 36 -34.36 -13.83 8.98
N CYS C 37 -33.13 -14.24 9.27
CA CYS C 37 -31.98 -13.36 9.14
C CYS C 37 -31.59 -13.21 7.67
N HIS C 38 -30.91 -12.12 7.34
CA HIS C 38 -30.49 -11.87 5.96
C HIS C 38 -29.16 -11.13 5.90
N ILE C 39 -28.12 -11.73 6.48
CA ILE C 39 -26.80 -11.10 6.57
C ILE C 39 -26.31 -10.50 5.25
N ALA C 40 -26.76 -11.04 4.13
CA ALA C 40 -26.35 -10.55 2.83
C ALA C 40 -26.77 -9.10 2.60
N GLN C 41 -27.57 -8.56 3.51
CA GLN C 41 -28.00 -7.17 3.43
C GLN C 41 -26.85 -6.22 3.79
N PHE C 42 -25.95 -6.71 4.63
CA PHE C 42 -24.83 -5.91 5.11
C PHE C 42 -23.69 -5.87 4.10
N LYS C 43 -23.75 -6.76 3.12
CA LYS C 43 -22.80 -6.75 2.01
C LYS C 43 -22.91 -5.45 1.25
N SER C 44 -24.10 -4.84 1.31
CA SER C 44 -24.44 -3.71 0.46
C SER C 44 -24.36 -2.38 1.18
N LEU C 45 -24.77 -2.37 2.46
CA LEU C 45 -24.89 -1.12 3.20
C LEU C 45 -25.87 -0.22 2.45
N SER C 46 -25.62 1.09 2.45
CA SER C 46 -26.50 2.02 1.72
C SER C 46 -26.02 3.46 1.80
N PRO C 47 -26.30 4.24 0.75
CA PRO C 47 -25.92 5.65 0.64
C PRO C 47 -26.32 6.46 1.87
N GLN C 48 -27.47 6.13 2.45
CA GLN C 48 -27.95 6.85 3.63
C GLN C 48 -27.05 6.59 4.84
N GLU C 49 -26.83 5.32 5.14
CA GLU C 49 -25.97 4.93 6.25
C GLU C 49 -24.56 5.47 6.05
N LEU C 50 -23.98 5.17 4.89
CA LEU C 50 -22.64 5.60 4.54
C LEU C 50 -22.43 7.07 4.84
N GLN C 51 -23.36 7.91 4.38
CA GLN C 51 -23.25 9.34 4.58
C GLN C 51 -23.30 9.70 6.07
N ALA C 52 -24.27 9.14 6.79
CA ALA C 52 -24.42 9.41 8.21
C ALA C 52 -23.18 8.99 8.99
N PHE C 53 -22.49 7.96 8.49
CA PHE C 53 -21.24 7.53 9.10
C PHE C 53 -20.11 8.51 8.76
N LYS C 54 -20.09 8.97 7.52
CA LYS C 54 -19.08 9.94 7.09
C LYS C 54 -19.13 11.21 7.95
N ARG C 55 -20.34 11.73 8.17
CA ARG C 55 -20.50 12.90 9.03
C ARG C 55 -19.89 12.63 10.40
N ALA C 56 -20.12 11.42 10.92
CA ALA C 56 -19.55 11.01 12.19
C ALA C 56 -18.03 11.05 12.14
N LYS C 57 -17.46 10.46 11.10
CA LYS C 57 -16.02 10.42 10.91
C LYS C 57 -15.44 11.83 10.73
N ASP C 58 -16.08 12.62 9.88
CA ASP C 58 -15.65 13.99 9.63
C ASP C 58 -15.64 14.81 10.91
N ALA C 59 -16.63 14.60 11.77
CA ALA C 59 -16.72 15.30 13.04
C ALA C 59 -15.69 14.77 14.05
N LEU C 60 -15.51 13.46 14.07
CA LEU C 60 -14.55 12.83 14.96
C LEU C 60 -13.14 13.32 14.67
N GLU C 61 -12.73 13.16 13.42
CA GLU C 61 -11.43 13.62 12.98
C GLU C 61 -11.25 15.09 13.34
N GLU C 62 -12.30 15.87 13.17
CA GLU C 62 -12.29 17.29 13.49
C GLU C 62 -12.16 17.50 15.00
N SER C 63 -12.57 16.50 15.77
CA SER C 63 -12.52 16.56 17.22
C SER C 63 -11.21 15.99 17.75
N LEU C 64 -10.45 15.34 16.87
CA LEU C 64 -9.17 14.75 17.23
C LEU C 64 -8.02 15.74 17.05
N LEU C 65 -8.22 16.72 16.18
CA LEU C 65 -7.17 17.66 15.82
C LEU C 65 -6.68 18.53 16.97
N LEU C 66 -7.56 18.85 17.90
CA LEU C 66 -7.18 19.68 19.04
C LEU C 66 -6.71 18.82 20.22
N LYS C 67 -5.59 18.14 20.04
CA LYS C 67 -5.02 17.30 21.08
C LYS C 67 -5.92 16.09 21.34
N ASP C 68 -5.38 15.06 21.99
CA ASP C 68 -3.99 15.04 22.44
C ASP C 68 -3.20 14.03 21.63
N CYS C 69 -2.02 13.66 22.12
CA CYS C 69 -1.19 12.67 21.45
C CYS C 69 -1.95 11.35 21.28
N LYS C 70 -1.55 10.54 20.31
CA LYS C 70 -2.28 9.31 20.01
C LYS C 70 -1.43 8.05 20.13
N CYS C 71 -2.03 7.02 20.71
CA CYS C 71 -1.54 5.65 20.62
C CYS C 71 -0.08 5.42 20.98
N ARG C 72 0.33 4.16 20.85
CA ARG C 72 1.70 3.74 21.04
C ARG C 72 1.78 2.33 20.46
N SER C 73 0.65 1.87 19.94
CA SER C 73 0.53 0.59 19.25
C SER C 73 -0.58 0.73 18.21
N ARG C 74 -0.75 -0.31 17.38
CA ARG C 74 -1.77 -0.27 16.35
C ARG C 74 -2.85 -1.33 16.56
N LEU C 75 -4.10 -0.88 16.70
CA LEU C 75 -5.23 -1.79 16.89
C LEU C 75 -5.63 -2.45 15.58
N PHE C 76 -5.53 -1.71 14.48
CA PHE C 76 -5.98 -2.23 13.20
C PHE C 76 -4.96 -1.99 12.10
N PRO C 77 -3.88 -2.79 12.10
CA PRO C 77 -2.80 -2.66 11.12
C PRO C 77 -3.26 -3.00 9.71
N ARG C 78 -2.86 -2.19 8.74
CA ARG C 78 -3.19 -2.45 7.35
C ARG C 78 -2.39 -3.64 6.81
N THR C 79 -1.64 -4.28 7.71
CA THR C 79 -0.83 -5.45 7.32
C THR C 79 -1.59 -6.74 7.63
N TRP C 80 -2.54 -6.66 8.56
CA TRP C 80 -3.38 -7.80 8.89
C TRP C 80 -4.78 -7.63 8.30
N ASP C 81 -5.51 -8.74 8.19
CA ASP C 81 -6.82 -8.69 7.55
C ASP C 81 -7.67 -9.91 7.92
N LEU C 82 -8.98 -9.70 8.01
CA LEU C 82 -9.92 -10.78 8.31
C LEU C 82 -9.81 -11.95 7.35
N ARG C 83 -9.38 -11.68 6.12
CA ARG C 83 -9.26 -12.73 5.11
C ARG C 83 -8.13 -13.70 5.42
N GLN C 84 -7.37 -13.41 6.49
CA GLN C 84 -6.29 -14.30 6.93
C GLN C 84 -6.85 -15.54 7.64
N LEU C 85 -7.87 -15.32 8.48
CA LEU C 85 -8.47 -16.41 9.24
C LEU C 85 -9.37 -17.26 8.35
N GLN C 86 -9.86 -18.36 8.91
CA GLN C 86 -10.82 -19.20 8.20
C GLN C 86 -12.22 -18.61 8.31
N VAL C 87 -13.07 -18.89 7.33
CA VAL C 87 -14.40 -18.29 7.27
C VAL C 87 -15.18 -18.38 8.58
N ARG C 88 -15.10 -19.54 9.24
CA ARG C 88 -15.86 -19.77 10.46
C ARG C 88 -15.40 -18.88 11.63
N GLU C 89 -14.20 -18.31 11.50
CA GLU C 89 -13.63 -17.52 12.60
C GLU C 89 -13.78 -16.01 12.40
N ARG C 90 -13.93 -15.59 11.14
CA ARG C 90 -14.05 -14.17 10.82
C ARG C 90 -15.18 -13.45 11.56
N PRO C 91 -16.32 -14.12 11.76
CA PRO C 91 -17.42 -13.49 12.51
C PRO C 91 -17.02 -13.02 13.90
N VAL C 92 -16.37 -13.88 14.67
CA VAL C 92 -15.99 -13.54 16.04
C VAL C 92 -15.02 -12.37 16.09
N ALA C 93 -14.16 -12.28 15.07
CA ALA C 93 -13.22 -11.18 14.98
C ALA C 93 -13.95 -9.87 14.69
N LEU C 94 -14.84 -9.91 13.70
CA LEU C 94 -15.65 -8.75 13.35
C LEU C 94 -16.43 -8.26 14.57
N GLU C 95 -17.15 -9.17 15.22
CA GLU C 95 -17.93 -8.84 16.40
C GLU C 95 -17.07 -8.15 17.46
N ALA C 96 -15.93 -8.75 17.77
CA ALA C 96 -14.99 -8.16 18.71
C ALA C 96 -14.65 -6.74 18.26
N GLU C 97 -14.21 -6.63 17.01
CA GLU C 97 -13.92 -5.35 16.39
C GLU C 97 -15.07 -4.38 16.63
N LEU C 98 -16.28 -4.82 16.30
CA LEU C 98 -17.48 -4.02 16.48
C LEU C 98 -17.69 -3.61 17.92
N ALA C 99 -17.62 -4.58 18.83
CA ALA C 99 -17.81 -4.32 20.25
C ALA C 99 -16.88 -3.23 20.75
N LEU C 100 -15.62 -3.28 20.34
CA LEU C 100 -14.62 -2.29 20.75
C LEU C 100 -14.98 -0.92 20.19
N THR C 101 -15.15 -0.85 18.88
CA THR C 101 -15.46 0.42 18.21
C THR C 101 -16.81 0.96 18.69
N LEU C 102 -17.66 0.08 19.18
CA LEU C 102 -18.95 0.49 19.73
C LEU C 102 -18.72 1.07 21.13
N LYS C 103 -17.86 0.41 21.89
CA LYS C 103 -17.55 0.83 23.26
C LYS C 103 -16.90 2.23 23.29
N VAL C 104 -15.92 2.45 22.42
CA VAL C 104 -15.18 3.71 22.42
C VAL C 104 -16.03 4.89 21.93
N LEU C 105 -16.80 4.67 20.87
CA LEU C 105 -17.65 5.72 20.34
C LEU C 105 -18.79 6.07 21.29
N GLU C 106 -19.07 5.17 22.22
CA GLU C 106 -20.06 5.45 23.26
C GLU C 106 -19.43 6.32 24.34
N ALA C 107 -18.18 6.02 24.69
CA ALA C 107 -17.43 6.82 25.63
C ALA C 107 -17.29 8.25 25.11
N THR C 108 -17.06 8.37 23.82
CA THR C 108 -16.92 9.68 23.18
C THR C 108 -18.25 10.41 23.12
N ALA C 109 -19.29 9.72 22.67
CA ALA C 109 -20.63 10.31 22.55
C ALA C 109 -21.05 10.97 23.86
N ASP C 110 -20.71 10.34 24.97
CA ASP C 110 -21.04 10.87 26.29
C ASP C 110 -20.19 12.10 26.61
N THR C 111 -18.88 11.96 26.46
CA THR C 111 -17.94 13.01 26.84
C THR C 111 -18.14 14.30 26.04
N ASP C 112 -18.67 14.17 24.83
CA ASP C 112 -18.94 15.34 24.00
C ASP C 112 -20.35 15.30 23.43
N PRO C 113 -21.28 16.00 24.09
CA PRO C 113 -22.71 16.05 23.73
C PRO C 113 -22.94 16.51 22.30
N ALA C 114 -22.22 17.54 21.87
CA ALA C 114 -22.37 18.07 20.52
C ALA C 114 -21.97 17.03 19.48
N LEU C 115 -20.91 16.29 19.79
CA LEU C 115 -20.43 15.23 18.92
C LEU C 115 -21.35 14.02 18.99
N GLY C 116 -22.17 13.98 20.04
CA GLY C 116 -23.10 12.89 20.25
C GLY C 116 -24.28 12.94 19.30
N ASP C 117 -24.63 14.14 18.86
CA ASP C 117 -25.77 14.33 17.95
C ASP C 117 -25.50 13.75 16.57
N VAL C 118 -24.23 13.64 16.20
CA VAL C 118 -23.84 13.11 14.91
C VAL C 118 -23.54 11.62 15.00
N LEU C 119 -23.40 11.11 16.21
CA LEU C 119 -23.11 9.70 16.44
C LEU C 119 -24.35 8.92 16.87
N ASP C 120 -25.38 9.63 17.31
CA ASP C 120 -26.59 9.01 17.84
C ASP C 120 -27.14 7.90 16.96
N GLN C 121 -27.50 8.23 15.73
CA GLN C 121 -28.08 7.24 14.82
C GLN C 121 -27.06 6.21 14.35
N PRO C 122 -25.86 6.66 13.95
CA PRO C 122 -24.81 5.73 13.51
C PRO C 122 -24.51 4.67 14.56
N LEU C 123 -24.42 5.06 15.82
CA LEU C 123 -24.18 4.12 16.90
C LEU C 123 -25.32 3.10 16.99
N HIS C 124 -26.54 3.60 16.87
CA HIS C 124 -27.73 2.74 16.89
C HIS C 124 -27.63 1.69 15.79
N THR C 125 -27.36 2.13 14.56
CA THR C 125 -27.17 1.23 13.43
C THR C 125 -26.04 0.25 13.70
N LEU C 126 -24.99 0.74 14.37
CA LEU C 126 -23.85 -0.09 14.71
C LEU C 126 -24.25 -1.21 15.68
N HIS C 127 -25.15 -0.90 16.60
CA HIS C 127 -25.69 -1.91 17.49
C HIS C 127 -26.52 -2.94 16.73
N HIS C 128 -27.38 -2.45 15.84
CA HIS C 128 -28.24 -3.32 15.04
C HIS C 128 -27.41 -4.34 14.27
N ILE C 129 -26.31 -3.88 13.68
CA ILE C 129 -25.41 -4.74 12.93
C ILE C 129 -24.82 -5.86 13.79
N LEU C 130 -24.30 -5.49 14.95
CA LEU C 130 -23.68 -6.46 15.86
C LEU C 130 -24.71 -7.41 16.45
N SER C 131 -25.87 -6.88 16.81
CA SER C 131 -26.95 -7.71 17.34
C SER C 131 -27.33 -8.76 16.32
N GLN C 132 -27.58 -8.33 15.08
CA GLN C 132 -27.91 -9.24 14.01
C GLN C 132 -26.81 -10.27 13.80
N LEU C 133 -25.57 -9.83 13.99
CA LEU C 133 -24.41 -10.69 13.79
C LEU C 133 -24.43 -11.87 14.75
N ARG C 134 -24.63 -11.59 16.03
CA ARG C 134 -24.61 -12.62 17.06
C ARG C 134 -25.88 -13.46 17.06
N ALA C 135 -26.92 -12.97 16.39
CA ALA C 135 -28.19 -13.68 16.33
C ALA C 135 -28.24 -14.67 15.17
N CYS C 136 -27.22 -14.64 14.31
CA CYS C 136 -27.23 -15.43 13.09
C CYS C 136 -25.95 -16.23 12.88
N ILE C 137 -25.08 -16.25 13.89
CA ILE C 137 -23.82 -16.99 13.80
C ILE C 137 -23.86 -18.30 14.60
N GLN C 138 -24.50 -18.25 15.77
CA GLN C 138 -24.60 -19.42 16.64
C GLN C 138 -23.23 -19.88 17.13
N ARG C 150 -4.29 -18.06 16.64
CA ARG C 150 -4.14 -17.30 15.41
C ARG C 150 -5.16 -16.21 15.35
N LEU C 151 -6.31 -16.46 15.91
CA LEU C 151 -7.33 -15.45 16.01
C LEU C 151 -7.41 -15.09 17.48
N HIS C 152 -6.50 -15.63 18.24
CA HIS C 152 -6.40 -15.23 19.63
C HIS C 152 -5.20 -14.38 19.95
N HIS C 153 -4.22 -14.35 19.06
CA HIS C 153 -3.14 -13.39 19.17
C HIS C 153 -3.67 -12.00 18.84
N TRP C 154 -4.74 -11.98 18.05
CA TRP C 154 -5.36 -10.73 17.63
C TRP C 154 -6.49 -10.34 18.58
N LEU C 155 -7.28 -11.33 18.98
CA LEU C 155 -8.40 -11.10 19.89
C LEU C 155 -7.88 -10.61 21.24
N HIS C 156 -7.00 -11.40 21.84
CA HIS C 156 -6.41 -11.05 23.14
C HIS C 156 -5.84 -9.64 23.12
N ARG C 157 -5.33 -9.24 21.96
CA ARG C 157 -4.77 -7.90 21.81
C ARG C 157 -5.87 -6.85 21.94
N LEU C 158 -7.02 -7.10 21.32
CA LEU C 158 -8.16 -6.19 21.43
C LEU C 158 -8.71 -6.14 22.85
N GLN C 159 -8.25 -7.07 23.69
CA GLN C 159 -8.61 -7.07 25.10
C GLN C 159 -7.71 -6.10 25.86
N GLU C 160 -6.42 -6.12 25.51
CA GLU C 160 -5.45 -5.19 26.09
C GLU C 160 -5.47 -3.87 25.35
N ALA C 161 -6.65 -3.31 25.13
CA ALA C 161 -6.79 -2.03 24.44
C ALA C 161 -7.36 -0.93 25.34
N PRO C 162 -8.56 -1.17 25.90
CA PRO C 162 -9.16 -0.15 26.78
C PRO C 162 -8.40 -0.04 28.10
N LYS C 163 -7.33 -0.81 28.25
CA LYS C 163 -6.54 -0.82 29.47
C LYS C 163 -5.05 -0.60 29.19
N LYS C 164 -4.70 -0.40 27.93
CA LYS C 164 -3.31 -0.21 27.55
C LYS C 164 -3.13 1.03 26.67
N GLU C 165 -4.24 1.66 26.29
CA GLU C 165 -4.19 2.83 25.44
C GLU C 165 -5.04 3.97 26.00
N SER C 166 -4.70 5.20 25.61
CA SER C 166 -5.45 6.37 26.03
C SER C 166 -6.73 6.52 25.21
N PRO C 167 -7.75 7.14 25.80
CA PRO C 167 -9.05 7.35 25.15
C PRO C 167 -8.90 7.97 23.76
N GLY C 168 -8.06 9.00 23.65
CA GLY C 168 -7.83 9.66 22.37
C GLY C 168 -7.29 8.70 21.33
N CYS C 169 -6.36 7.84 21.76
CA CYS C 169 -5.77 6.85 20.89
C CYS C 169 -6.85 5.91 20.35
N LEU C 170 -7.60 5.30 21.26
CA LEU C 170 -8.66 4.37 20.90
C LEU C 170 -9.66 5.04 19.96
N GLU C 171 -10.02 6.27 20.28
CA GLU C 171 -10.96 7.03 19.46
C GLU C 171 -10.43 7.18 18.03
N ALA C 172 -9.14 7.48 17.90
CA ALA C 172 -8.53 7.62 16.59
C ALA C 172 -8.47 6.26 15.89
N SER C 173 -8.21 5.21 16.65
CA SER C 173 -8.12 3.86 16.10
C SER C 173 -9.43 3.44 15.44
N VAL C 174 -10.51 3.46 16.21
CA VAL C 174 -11.81 3.04 15.70
C VAL C 174 -12.31 3.98 14.61
N THR C 175 -11.87 5.24 14.67
CA THR C 175 -12.31 6.23 13.68
C THR C 175 -11.72 5.95 12.30
N PHE C 176 -10.40 5.78 12.23
CA PHE C 176 -9.75 5.49 10.96
C PHE C 176 -10.19 4.13 10.41
N ASN C 177 -10.46 3.20 11.31
CA ASN C 177 -10.83 1.83 10.93
C ASN C 177 -12.31 1.69 10.60
N LEU C 178 -13.11 2.66 11.02
CA LEU C 178 -14.56 2.62 10.86
C LEU C 178 -14.98 2.20 9.45
N PHE C 179 -14.56 2.96 8.46
CA PHE C 179 -14.95 2.68 7.07
C PHE C 179 -14.51 1.29 6.60
N ARG C 180 -13.35 0.83 7.06
CA ARG C 180 -12.88 -0.51 6.69
C ARG C 180 -13.73 -1.60 7.35
N LEU C 181 -14.29 -1.28 8.51
CA LEU C 181 -15.15 -2.22 9.23
C LEU C 181 -16.48 -2.40 8.51
N LEU C 182 -17.08 -1.28 8.13
CA LEU C 182 -18.42 -1.29 7.53
C LEU C 182 -18.44 -1.85 6.11
N THR C 183 -17.47 -1.45 5.30
CA THR C 183 -17.51 -1.76 3.87
C THR C 183 -16.67 -2.97 3.47
N ARG C 184 -15.58 -3.21 4.20
CA ARG C 184 -14.65 -4.27 3.84
C ARG C 184 -14.84 -5.51 4.73
N ASP C 185 -14.45 -5.37 5.99
CA ASP C 185 -14.55 -6.47 6.96
C ASP C 185 -15.96 -7.07 7.00
N LEU C 186 -16.95 -6.21 7.23
CA LEU C 186 -18.34 -6.64 7.31
C LEU C 186 -18.75 -7.36 6.02
N ASN C 187 -18.50 -6.72 4.88
CA ASN C 187 -18.79 -7.33 3.58
C ASN C 187 -18.17 -8.71 3.47
N CYS C 188 -16.95 -8.86 3.97
CA CYS C 188 -16.24 -10.13 3.90
C CYS C 188 -17.02 -11.25 4.59
N VAL C 189 -17.48 -10.99 5.82
CA VAL C 189 -18.20 -11.99 6.59
C VAL C 189 -19.58 -12.27 6.00
N ALA C 190 -20.27 -11.20 5.60
CA ALA C 190 -21.60 -11.32 5.00
C ALA C 190 -21.55 -12.09 3.69
N SER C 191 -20.35 -12.31 3.17
CA SER C 191 -20.17 -12.97 1.87
C SER C 191 -19.73 -14.43 2.00
N GLY C 192 -19.34 -14.83 3.20
CA GLY C 192 -18.99 -16.22 3.46
C GLY C 192 -17.89 -16.80 2.59
N ASP C 193 -18.17 -17.94 1.98
CA ASP C 193 -17.16 -18.72 1.25
C ASP C 193 -16.64 -18.06 -0.02
N LEU C 194 -17.29 -16.99 -0.48
CA LEU C 194 -16.76 -16.27 -1.64
C LEU C 194 -16.13 -14.95 -1.21
N CYS C 195 -15.50 -14.97 -0.04
CA CYS C 195 -14.63 -13.88 0.40
C CYS C 195 -13.23 -14.45 0.62
N VAL C 196 -12.37 -14.28 -0.37
CA VAL C 196 -11.02 -14.82 -0.28
C VAL C 196 -9.95 -13.73 -0.38
N PRO D 47 24.41 1.59 -17.21
CA PRO D 47 24.81 0.23 -16.83
C PRO D 47 26.21 0.20 -16.21
N GLN D 48 26.69 1.36 -15.79
CA GLN D 48 28.03 1.46 -15.21
C GLN D 48 28.09 0.90 -13.79
N GLU D 49 28.76 -0.23 -13.65
CA GLU D 49 28.98 -0.85 -12.34
C GLU D 49 27.70 -1.42 -11.71
N LEU D 50 26.57 -0.81 -12.02
CA LEU D 50 25.30 -1.25 -11.47
C LEU D 50 24.91 -2.64 -11.96
N GLN D 51 25.32 -2.97 -13.17
CA GLN D 51 24.99 -4.27 -13.76
C GLN D 51 25.75 -5.41 -13.08
N ALA D 52 26.95 -5.10 -12.59
CA ALA D 52 27.73 -6.10 -11.86
C ALA D 52 27.15 -6.31 -10.46
N PHE D 53 26.44 -5.30 -9.97
CA PHE D 53 25.68 -5.44 -8.74
C PHE D 53 24.41 -6.25 -9.02
N LYS D 54 23.79 -5.96 -10.16
CA LYS D 54 22.57 -6.64 -10.58
C LYS D 54 22.74 -8.15 -10.51
N ARG D 55 23.81 -8.65 -11.13
CA ARG D 55 24.09 -10.08 -11.13
C ARG D 55 24.28 -10.59 -9.71
N ALA D 56 24.94 -9.79 -8.88
CA ALA D 56 25.16 -10.15 -7.48
C ALA D 56 23.84 -10.31 -6.74
N LYS D 57 22.99 -9.28 -6.83
CA LYS D 57 21.68 -9.31 -6.20
C LYS D 57 20.90 -10.54 -6.67
N ASP D 58 21.00 -10.82 -7.96
CA ASP D 58 20.30 -11.97 -8.54
C ASP D 58 20.88 -13.29 -8.06
N ALA D 59 22.21 -13.35 -7.97
CA ALA D 59 22.87 -14.56 -7.49
C ALA D 59 22.54 -14.80 -6.02
N LEU D 60 22.39 -13.70 -5.27
CA LEU D 60 22.05 -13.77 -3.86
C LEU D 60 20.59 -14.16 -3.66
N GLU D 61 19.70 -13.49 -4.37
CA GLU D 61 18.27 -13.78 -4.30
C GLU D 61 18.01 -15.25 -4.60
N GLU D 62 18.50 -15.70 -5.74
CA GLU D 62 18.33 -17.10 -6.14
C GLU D 62 18.96 -18.04 -5.13
N SER D 63 19.79 -17.48 -4.25
CA SER D 63 20.48 -18.25 -3.22
C SER D 63 19.71 -18.22 -1.90
N LEU D 64 18.72 -17.35 -1.82
CA LEU D 64 17.91 -17.22 -0.61
C LEU D 64 16.70 -18.13 -0.64
N LEU D 65 16.18 -18.41 -1.83
CA LEU D 65 15.00 -19.24 -2.00
C LEU D 65 15.11 -20.58 -1.29
N LEU D 66 16.34 -21.03 -1.10
CA LEU D 66 16.59 -22.33 -0.48
C LEU D 66 16.78 -22.21 1.02
N LYS D 67 15.72 -22.49 1.78
CA LYS D 67 15.79 -22.57 3.24
C LYS D 67 16.19 -21.22 3.87
N ASP D 68 16.29 -21.22 5.20
CA ASP D 68 16.73 -20.06 5.97
C ASP D 68 15.59 -19.11 6.34
N CYS D 69 15.21 -19.12 7.61
CA CYS D 69 14.17 -18.23 8.11
C CYS D 69 14.63 -16.78 8.07
N LYS D 70 13.68 -15.86 7.98
CA LYS D 70 13.99 -14.45 7.89
C LYS D 70 14.13 -13.80 9.26
N CYS D 71 14.35 -12.49 9.27
CA CYS D 71 14.58 -11.74 10.50
C CYS D 71 13.34 -11.73 11.40
N ARG D 72 13.52 -11.21 12.61
CA ARG D 72 12.42 -11.07 13.55
C ARG D 72 12.06 -9.59 13.66
N SER D 73 12.88 -8.76 13.04
CA SER D 73 12.65 -7.32 12.98
C SER D 73 13.44 -6.72 11.81
N ARG D 74 12.90 -5.67 11.21
CA ARG D 74 13.52 -5.07 10.04
C ARG D 74 14.77 -4.27 10.40
N LEU D 75 15.88 -4.62 9.74
CA LEU D 75 17.15 -3.92 9.96
C LEU D 75 17.22 -2.65 9.12
N PHE D 76 16.69 -2.72 7.91
CA PHE D 76 16.65 -1.57 7.02
C PHE D 76 15.20 -1.25 6.63
N PRO D 77 14.44 -0.68 7.58
CA PRO D 77 13.02 -0.37 7.38
C PRO D 77 12.79 0.53 6.16
N ARG D 78 11.54 0.62 5.73
CA ARG D 78 11.17 1.48 4.61
C ARG D 78 10.51 2.76 5.11
N THR D 79 9.98 2.70 6.34
CA THR D 79 9.33 3.86 6.93
C THR D 79 10.36 4.85 7.46
N TRP D 80 11.61 4.40 7.53
CA TRP D 80 12.71 5.24 7.97
C TRP D 80 13.67 5.51 6.82
N ASP D 81 14.04 6.77 6.63
CA ASP D 81 14.96 7.14 5.57
C ASP D 81 16.12 7.97 6.12
N LEU D 82 17.18 8.09 5.33
CA LEU D 82 18.35 8.86 5.74
C LEU D 82 18.01 10.34 5.89
N ARG D 83 17.20 10.84 4.97
CA ARG D 83 16.88 12.26 4.94
C ARG D 83 15.99 12.72 6.10
N GLN D 84 15.80 11.84 7.08
CA GLN D 84 15.02 12.18 8.26
C GLN D 84 15.79 13.15 9.16
N ALA D 93 25.90 6.93 10.43
CA ALA D 93 24.70 6.87 9.61
C ALA D 93 24.85 5.89 8.47
N LEU D 94 25.25 6.39 7.31
CA LEU D 94 25.50 5.53 6.15
C LEU D 94 26.68 4.62 6.44
N GLU D 95 27.59 5.10 7.28
CA GLU D 95 28.78 4.33 7.64
C GLU D 95 28.42 3.01 8.29
N ALA D 96 27.74 3.07 9.43
CA ALA D 96 27.30 1.86 10.13
C ALA D 96 26.46 0.98 9.20
N GLU D 97 25.82 1.61 8.23
CA GLU D 97 25.02 0.90 7.25
C GLU D 97 25.90 0.06 6.34
N LEU D 98 27.03 0.64 5.92
CA LEU D 98 27.97 -0.06 5.06
C LEU D 98 28.85 -1.03 5.83
N ALA D 99 29.21 -0.66 7.05
CA ALA D 99 30.07 -1.49 7.89
C ALA D 99 29.40 -2.82 8.22
N LEU D 100 28.13 -2.93 7.86
CA LEU D 100 27.37 -4.15 8.12
C LEU D 100 27.12 -4.93 6.83
N THR D 101 26.72 -4.22 5.78
CA THR D 101 26.41 -4.86 4.50
C THR D 101 27.65 -5.52 3.88
N LEU D 102 28.76 -4.80 3.85
CA LEU D 102 30.00 -5.35 3.33
C LEU D 102 30.48 -6.49 4.23
N LYS D 103 30.23 -6.34 5.53
CA LYS D 103 30.62 -7.33 6.52
C LYS D 103 29.83 -8.63 6.37
N VAL D 104 28.56 -8.51 5.99
CA VAL D 104 27.69 -9.68 5.84
C VAL D 104 28.01 -10.43 4.55
N LEU D 105 28.18 -9.68 3.46
CA LEU D 105 28.54 -10.28 2.18
C LEU D 105 29.92 -10.94 2.28
N GLU D 106 30.69 -10.51 3.26
CA GLU D 106 31.98 -11.14 3.55
C GLU D 106 31.77 -12.51 4.18
N ALA D 107 30.96 -12.55 5.23
CA ALA D 107 30.65 -13.78 5.93
C ALA D 107 29.74 -14.67 5.10
N THR D 108 29.27 -14.15 3.97
CA THR D 108 28.41 -14.92 3.08
C THR D 108 29.21 -15.55 1.94
N ALA D 109 30.15 -14.78 1.40
CA ALA D 109 31.02 -15.29 0.33
C ALA D 109 31.87 -16.44 0.84
N ASP D 110 32.43 -16.28 2.03
CA ASP D 110 33.28 -17.29 2.63
C ASP D 110 32.50 -18.56 2.98
N THR D 111 31.18 -18.40 3.11
CA THR D 111 30.31 -19.52 3.44
C THR D 111 29.98 -20.37 2.21
N ASP D 112 29.69 -19.70 1.10
CA ASP D 112 29.29 -20.38 -0.12
C ASP D 112 30.03 -19.87 -1.35
N PRO D 113 30.82 -20.75 -1.98
CA PRO D 113 31.53 -20.43 -3.23
C PRO D 113 30.53 -20.19 -4.36
N ALA D 114 31.03 -20.20 -5.61
CA ALA D 114 30.19 -19.95 -6.78
C ALA D 114 29.72 -18.49 -6.80
N LEU D 115 28.97 -18.09 -5.79
CA LEU D 115 28.55 -16.71 -5.64
C LEU D 115 29.76 -15.83 -5.38
N GLY D 116 30.78 -16.41 -4.76
CA GLY D 116 32.02 -15.70 -4.49
C GLY D 116 32.66 -15.18 -5.76
N ASP D 117 32.24 -15.73 -6.89
CA ASP D 117 32.73 -15.30 -8.19
C ASP D 117 31.93 -14.10 -8.68
N VAL D 118 30.61 -14.19 -8.55
CA VAL D 118 29.73 -13.09 -8.92
C VAL D 118 30.04 -11.87 -8.07
N LEU D 119 30.57 -12.13 -6.86
CA LEU D 119 31.02 -11.07 -5.96
C LEU D 119 32.53 -10.91 -6.13
N ASP D 120 33.07 -9.77 -5.69
CA ASP D 120 32.29 -8.71 -5.07
C ASP D 120 32.52 -7.39 -5.79
N GLN D 121 31.57 -6.48 -5.63
CA GLN D 121 31.73 -5.11 -6.09
C GLN D 121 32.55 -4.36 -5.06
N PRO D 122 32.81 -3.05 -5.29
CA PRO D 122 33.58 -2.27 -4.33
C PRO D 122 33.21 -2.60 -2.89
N ILE D 129 30.67 -1.20 0.99
CA ILE D 129 32.13 -1.08 0.82
C ILE D 129 32.76 -0.21 1.89
N LEU D 130 32.08 0.89 2.23
CA LEU D 130 32.65 1.86 3.16
C LEU D 130 34.00 2.32 2.61
N SER D 131 34.93 2.65 3.50
CA SER D 131 36.26 3.07 3.09
C SER D 131 36.22 4.31 2.22
N GLN D 132 37.36 5.01 2.14
CA GLN D 132 37.48 6.21 1.32
C GLN D 132 36.67 7.37 1.90
N LEU D 133 35.38 7.13 2.13
CA LEU D 133 34.50 8.15 2.68
C LEU D 133 34.72 8.35 4.16
N ARG D 134 35.31 7.34 4.81
CA ARG D 134 35.54 7.37 6.25
C ARG D 134 36.43 8.54 6.66
N ALA D 135 37.20 9.06 5.70
CA ALA D 135 38.11 10.16 5.96
C ALA D 135 37.37 11.49 6.17
N CYS D 136 36.39 11.74 5.33
CA CYS D 136 35.62 12.99 5.39
C CYS D 136 34.83 13.11 6.70
N ILE D 137 34.63 11.97 7.36
CA ILE D 137 33.84 11.93 8.58
C ILE D 137 34.52 12.61 9.76
N GLN D 138 33.86 13.61 10.33
CA GLN D 138 34.37 14.31 11.50
C GLN D 138 33.24 14.79 12.39
N SER D 166 20.24 -13.51 13.16
CA SER D 166 20.69 -14.72 12.48
C SER D 166 21.28 -14.39 11.12
N PRO D 167 22.21 -15.24 10.63
CA PRO D 167 22.88 -15.05 9.34
C PRO D 167 21.89 -14.87 8.19
N GLY D 168 20.98 -15.83 8.01
CA GLY D 168 20.00 -15.75 6.95
C GLY D 168 19.24 -14.44 6.98
N CYS D 169 18.86 -14.02 8.19
CA CYS D 169 18.18 -12.75 8.39
C CYS D 169 19.08 -11.59 8.02
N LEU D 170 20.31 -11.61 8.54
CA LEU D 170 21.25 -10.51 8.32
C LEU D 170 21.63 -10.35 6.87
N GLU D 171 21.60 -11.44 6.11
CA GLU D 171 21.96 -11.39 4.69
C GLU D 171 20.82 -10.84 3.85
N ALA D 172 19.61 -11.33 4.10
CA ALA D 172 18.43 -10.88 3.36
C ALA D 172 18.28 -9.37 3.48
N SER D 173 18.39 -8.85 4.69
CA SER D 173 18.27 -7.43 4.95
C SER D 173 19.23 -6.60 4.11
N VAL D 174 20.52 -6.87 4.27
CA VAL D 174 21.55 -6.13 3.55
C VAL D 174 21.39 -6.28 2.04
N THR D 175 20.78 -7.39 1.62
CA THR D 175 20.59 -7.67 0.20
C THR D 175 19.45 -6.83 -0.38
N PHE D 176 18.28 -6.90 0.25
CA PHE D 176 17.13 -6.15 -0.22
C PHE D 176 17.43 -4.65 -0.17
N ASN D 177 18.28 -4.26 0.77
CA ASN D 177 18.60 -2.85 0.97
C ASN D 177 19.88 -2.42 0.26
N LEU D 178 20.58 -3.39 -0.32
CA LEU D 178 21.84 -3.11 -1.01
C LEU D 178 21.67 -2.01 -2.05
N PHE D 179 20.63 -2.14 -2.87
CA PHE D 179 20.34 -1.16 -3.92
C PHE D 179 20.03 0.21 -3.31
N ARG D 180 19.13 0.22 -2.33
CA ARG D 180 18.73 1.45 -1.67
C ARG D 180 19.91 2.19 -1.04
N LEU D 181 21.00 1.48 -0.84
CA LEU D 181 22.21 2.07 -0.27
C LEU D 181 23.11 2.65 -1.35
N LEU D 182 23.13 1.99 -2.51
CA LEU D 182 24.00 2.38 -3.61
C LEU D 182 23.33 3.35 -4.57
N THR D 183 22.16 3.85 -4.18
CA THR D 183 21.43 4.80 -5.01
C THR D 183 20.77 5.88 -4.15
N ARG D 184 19.85 5.47 -3.29
CA ARG D 184 19.14 6.39 -2.42
C ARG D 184 20.05 6.89 -1.30
N ASP D 185 21.14 6.18 -1.08
CA ASP D 185 22.07 6.52 0.01
C ASP D 185 23.48 6.79 -0.53
I IOD E . -3.90 9.46 -8.90
I IOD F . -22.64 30.84 1.97
I IOD G . -9.21 10.95 0.17
I IOD H . 5.61 21.64 5.79
I IOD I . -14.07 37.43 -0.67
I IOD J . 0.21 -0.45 8.64
I IOD K . -10.84 31.74 8.87
I IOD L . -16.80 16.57 1.86
I IOD M . -17.14 24.51 -1.28
I IOD N . -20.61 22.85 -7.22
I IOD O . 1.59 -0.88 -13.47
I IOD P . 10.24 -6.18 -11.02
I IOD Q . -1.28 -19.99 -4.19
I IOD R . 12.69 -27.91 -15.06
I IOD S . 13.05 -11.95 -28.71
I IOD T . 16.63 -11.11 -16.12
I IOD U . 13.56 -34.44 -29.90
I IOD V . -27.08 5.47 10.23
I IOD W . -16.86 6.11 7.46
I IOD X . -11.39 -8.17 4.73
I IOD Y . -8.24 -19.25 11.95
I IOD Z . -13.17 2.08 26.16
I IOD AA . -25.58 3.79 22.86
I IOD BA . -34.41 3.63 14.11
I IOD CA . -32.54 -0.40 13.45
I IOD DA . -11.17 0.05 3.06
I IOD EA . -14.97 22.43 13.00
I IOD FA . -2.12 -8.76 15.41
I IOD GA . -25.33 -7.52 21.01
I IOD HA . -28.37 -15.46 6.89
I IOD IA . 8.68 -1.31 6.20
I IOD JA . 21.66 -3.85 -5.95
I IOD KA . 15.01 2.78 -3.76
I IOD LA . 27.96 -10.80 10.29
I IOD MA . 32.29 -2.57 -10.12
#